data_1JJV
#
_entry.id   1JJV
#
_cell.length_a   126.000
_cell.length_b   45.900
_cell.length_c   41.700
_cell.angle_alpha   90.00
_cell.angle_beta   97.60
_cell.angle_gamma   90.00
#
_symmetry.space_group_name_H-M   'C 1 2 1'
#
loop_
_entity.id
_entity.type
_entity.pdbx_description
1 polymer 'DEPHOSPHO-COA KINASE'
2 non-polymer 'SULFATE ION'
3 non-polymer 'MERCURY (II) ION'
4 non-polymer "ADENOSINE-5'-TRIPHOSPHATE"
5 water water
#
_entity_poly.entity_id   1
_entity_poly.type   'polypeptide(L)'
_entity_poly.pdbx_seq_one_letter_code
;MTYIVGLTGGIGSGKTTIANLFTDLGVPLVDADVVAREVVAKDSPLLSKIVEHFGAQILTEQGELNRAALRERVFNHDED
KLWLNNLLHPAIRERMKQKLAEQTAPYTLFVVPLLIENKLTALCDRILVVDVSPQTQLARSAQRDNNNFEQIQRIMNSQV
SQQERLKWADDVINNDAELAQNLPHLQQKVLELHQFYLQQAENKNA
;
_entity_poly.pdbx_strand_id   A
#
loop_
_chem_comp.id
_chem_comp.type
_chem_comp.name
_chem_comp.formula
ATP non-polymer ADENOSINE-5'-TRIPHOSPHATE 'C10 H16 N5 O13 P3'
HG non-polymer 'MERCURY (II) ION' 'Hg 2'
SO4 non-polymer 'SULFATE ION' 'O4 S -2'
#
# COMPACT_ATOMS: atom_id res chain seq x y z
N MET A 1 -9.90 3.87 -18.65
CA MET A 1 -8.99 3.68 -17.54
C MET A 1 -8.93 2.20 -17.27
N THR A 2 -7.74 1.72 -16.95
CA THR A 2 -7.62 0.41 -16.32
C THR A 2 -8.62 0.30 -15.17
N TYR A 3 -9.17 -0.88 -14.94
CA TYR A 3 -9.92 -1.12 -13.72
C TYR A 3 -8.91 -1.21 -12.55
N ILE A 4 -9.15 -0.51 -11.45
CA ILE A 4 -8.11 -0.38 -10.42
C ILE A 4 -8.51 -1.07 -9.13
N VAL A 5 -7.68 -2.02 -8.70
CA VAL A 5 -7.96 -2.77 -7.50
C VAL A 5 -7.02 -2.29 -6.43
N GLY A 6 -7.52 -1.55 -5.42
CA GLY A 6 -6.70 -1.17 -4.27
C GLY A 6 -6.45 -2.36 -3.32
N LEU A 7 -5.19 -2.70 -3.06
CA LEU A 7 -4.90 -3.84 -2.18
C LEU A 7 -4.37 -3.21 -0.91
N THR A 8 -4.96 -3.59 0.21
CA THR A 8 -4.34 -3.12 1.48
C THR A 8 -4.50 -4.16 2.55
N GLY A 9 -4.17 -3.79 3.78
CA GLY A 9 -3.98 -4.75 4.86
C GLY A 9 -3.06 -4.19 5.93
N GLY A 10 -3.19 -4.66 7.16
CA GLY A 10 -2.44 -4.09 8.27
C GLY A 10 -0.99 -4.54 8.18
N ILE A 11 -0.14 -3.91 8.98
CA ILE A 11 1.25 -4.35 9.05
C ILE A 11 1.38 -5.85 9.23
N GLY A 12 2.29 -6.45 8.49
CA GLY A 12 2.51 -7.88 8.58
C GLY A 12 1.44 -8.84 8.03
N SER A 13 0.44 -8.33 7.35
CA SER A 13 -0.71 -9.14 6.95
C SER A 13 -0.45 -9.97 5.67
N GLY A 14 0.51 -9.53 4.88
CA GLY A 14 0.85 -10.23 3.64
C GLY A 14 0.55 -9.46 2.36
N LYS A 15 0.56 -8.13 2.40
CA LYS A 15 0.21 -7.37 1.20
C LYS A 15 1.20 -7.72 0.04
N THR A 16 2.49 -7.77 0.37
CA THR A 16 3.54 -8.03 -0.61
C THR A 16 3.39 -9.41 -1.18
N THR A 17 3.10 -10.35 -0.31
CA THR A 17 2.97 -11.75 -0.74
C THR A 17 1.87 -11.91 -1.79
N ILE A 18 0.70 -11.37 -1.42
CA ILE A 18 -0.45 -11.37 -2.32
C ILE A 18 -0.21 -10.54 -3.62
N ALA A 19 0.35 -9.34 -3.49
CA ALA A 19 0.63 -8.52 -4.68
C ALA A 19 1.51 -9.33 -5.64
N ASN A 20 2.44 -10.09 -5.09
CA ASN A 20 3.32 -10.91 -5.92
C ASN A 20 2.60 -12.00 -6.70
N LEU A 21 1.55 -12.59 -6.16
CA LEU A 21 0.77 -13.61 -6.87
C LEU A 21 0.02 -13.00 -8.05
N PHE A 22 -0.49 -11.77 -7.87
CA PHE A 22 -1.04 -11.03 -9.02
C PHE A 22 0.00 -10.63 -10.09
N THR A 23 1.13 -10.09 -9.66
CA THR A 23 2.15 -9.77 -10.70
C THR A 23 2.69 -11.02 -11.43
N ASP A 24 2.70 -12.18 -10.76
CA ASP A 24 2.95 -13.47 -11.40
C ASP A 24 2.02 -13.75 -12.58
N LEU A 25 0.80 -13.18 -12.55
CA LEU A 25 -0.15 -13.36 -13.65
C LEU A 25 0.06 -12.31 -14.77
N GLY A 26 1.12 -11.51 -14.68
CA GLY A 26 1.34 -10.43 -15.62
C GLY A 26 0.49 -9.17 -15.41
N VAL A 27 -0.09 -9.02 -14.22
CA VAL A 27 -0.90 -7.84 -13.93
C VAL A 27 0.04 -6.77 -13.47
N PRO A 28 -0.11 -5.54 -13.97
CA PRO A 28 0.71 -4.43 -13.49
C PRO A 28 0.39 -3.97 -12.09
N LEU A 29 1.40 -3.39 -11.49
CA LEU A 29 1.35 -2.98 -10.10
C LEU A 29 1.78 -1.53 -10.00
N VAL A 30 1.00 -0.76 -9.26
CA VAL A 30 1.47 0.53 -8.80
C VAL A 30 1.58 0.44 -7.32
N ASP A 31 2.80 0.63 -6.82
CA ASP A 31 3.07 0.37 -5.41
C ASP A 31 3.32 1.69 -4.70
N ALA A 32 2.55 1.98 -3.63
CA ALA A 32 2.64 3.29 -2.96
C ALA A 32 4.03 3.57 -2.38
N ASP A 33 4.69 2.56 -1.85
CA ASP A 33 6.01 2.81 -1.26
C ASP A 33 7.04 3.10 -2.33
N VAL A 34 6.88 2.52 -3.49
CA VAL A 34 7.79 2.83 -4.62
C VAL A 34 7.56 4.28 -5.08
N VAL A 35 6.31 4.66 -5.29
CA VAL A 35 6.00 6.04 -5.68
C VAL A 35 6.53 7.06 -4.67
N ALA A 36 6.39 6.75 -3.40
CA ALA A 36 6.77 7.69 -2.35
C ALA A 36 8.28 7.84 -2.52
N ARG A 37 8.90 6.83 -3.12
CA ARG A 37 10.34 6.82 -3.29
C ARG A 37 10.76 7.72 -4.46
N GLU A 38 10.11 7.49 -5.60
CA GLU A 38 10.28 8.29 -6.78
C GLU A 38 10.17 9.76 -6.49
N VAL A 39 9.28 10.14 -5.56
CA VAL A 39 8.91 11.54 -5.41
C VAL A 39 10.04 12.37 -4.83
N VAL A 40 10.94 11.73 -4.12
CA VAL A 40 12.08 12.42 -3.50
C VAL A 40 13.39 11.92 -4.07
N ALA A 41 13.36 11.39 -5.29
CA ALA A 41 14.58 10.87 -5.88
C ALA A 41 15.64 11.99 -6.10
N LYS A 42 16.89 11.57 -6.37
CA LYS A 42 18.09 12.42 -6.23
C LYS A 42 17.98 13.82 -6.80
N ASP A 43 17.73 13.92 -8.08
CA ASP A 43 17.41 15.21 -8.63
C ASP A 43 15.92 15.27 -8.79
N SER A 44 15.28 15.85 -7.78
CA SER A 44 13.85 16.02 -7.77
C SER A 44 13.59 17.31 -7.02
N PRO A 45 12.58 18.03 -7.49
CA PRO A 45 12.16 19.33 -6.93
C PRO A 45 11.65 19.21 -5.51
N LEU A 46 10.98 18.10 -5.19
CA LEU A 46 10.57 17.92 -3.82
C LEU A 46 11.79 17.78 -2.90
N LEU A 47 12.77 16.99 -3.35
CA LEU A 47 13.92 16.66 -2.50
C LEU A 47 14.57 17.97 -2.12
N SER A 48 14.78 18.81 -3.12
CA SER A 48 15.53 20.03 -2.90
C SER A 48 14.79 20.99 -1.94
N LYS A 49 13.47 20.92 -1.89
CA LYS A 49 12.74 21.68 -0.87
C LYS A 49 12.86 21.09 0.54
N ILE A 50 12.91 19.77 0.62
CA ILE A 50 13.09 19.12 1.90
C ILE A 50 14.43 19.58 2.44
N VAL A 51 15.45 19.46 1.60
CA VAL A 51 16.81 19.86 1.98
C VAL A 51 16.93 21.33 2.43
N GLU A 52 16.14 22.21 1.82
CA GLU A 52 16.16 23.62 2.24
C GLU A 52 15.55 23.79 3.60
N HIS A 53 14.59 22.94 3.93
CA HIS A 53 13.86 23.08 5.19
C HIS A 53 14.61 22.38 6.34
N PHE A 54 15.27 21.27 6.05
CA PHE A 54 15.89 20.50 7.13
C PHE A 54 17.41 20.71 7.23
N GLY A 55 18.06 20.91 6.09
CA GLY A 55 19.51 20.89 6.00
C GLY A 55 20.03 19.71 5.19
N ALA A 56 21.21 19.87 4.59
CA ALA A 56 21.85 18.76 3.90
C ALA A 56 22.11 17.61 4.88
N GLN A 57 22.23 17.98 6.14
CA GLN A 57 22.26 17.03 7.23
C GLN A 57 21.37 15.79 6.96
N ILE A 58 20.31 15.96 6.18
CA ILE A 58 19.54 14.79 5.76
C ILE A 58 19.95 14.33 4.38
N LEU A 65 19.06 11.35 -0.62
CA LEU A 65 18.39 11.54 0.67
C LEU A 65 18.70 10.41 1.67
N ASN A 66 19.22 10.77 2.83
CA ASN A 66 19.34 9.80 3.91
C ASN A 66 17.98 9.56 4.57
N ARG A 67 17.32 8.47 4.19
CA ARG A 67 15.91 8.32 4.51
C ARG A 67 15.80 8.07 6.00
N ALA A 68 16.79 7.35 6.55
CA ALA A 68 16.76 7.07 7.99
C ALA A 68 16.98 8.36 8.78
N ALA A 69 17.90 9.19 8.30
CA ALA A 69 18.08 10.49 8.95
C ALA A 69 16.78 11.34 8.90
N LEU A 70 16.13 11.38 7.75
CA LEU A 70 14.88 12.14 7.67
C LEU A 70 13.81 11.53 8.58
N ARG A 71 13.66 10.21 8.58
CA ARG A 71 12.64 9.56 9.42
C ARG A 71 12.93 9.91 10.83
N GLU A 72 14.20 9.79 11.18
CA GLU A 72 14.64 10.16 12.50
C GLU A 72 14.15 11.57 12.80
N ARG A 73 14.41 12.52 11.91
CA ARG A 73 14.02 13.90 12.20
C ARG A 73 12.51 14.02 12.41
N VAL A 74 11.72 13.45 11.52
CA VAL A 74 10.30 13.51 11.72
C VAL A 74 9.90 13.19 13.16
N PHE A 75 10.45 12.11 13.69
CA PHE A 75 10.00 11.55 14.96
C PHE A 75 9.90 12.59 16.08
N ASN A 76 10.67 13.67 15.96
CA ASN A 76 10.75 14.72 17.00
C ASN A 76 9.42 15.12 17.63
N HIS A 77 8.50 15.63 16.81
CA HIS A 77 7.14 15.91 17.24
C HIS A 77 6.30 15.98 15.99
N ASP A 78 4.99 15.92 16.15
CA ASP A 78 4.08 15.99 15.01
C ASP A 78 4.35 17.19 14.09
N GLU A 79 5.29 18.04 14.45
CA GLU A 79 5.38 19.36 13.82
C GLU A 79 6.13 19.36 12.49
N ASP A 80 7.30 18.73 12.45
CA ASP A 80 8.05 18.59 11.21
C ASP A 80 7.39 17.52 10.32
N LYS A 81 6.75 16.54 10.97
CA LYS A 81 6.01 15.49 10.27
C LYS A 81 4.86 16.13 9.49
N LEU A 82 4.16 17.03 10.16
CA LEU A 82 3.09 17.79 9.51
C LEU A 82 3.60 18.49 8.29
N TRP A 83 4.75 19.16 8.43
CA TRP A 83 5.31 19.92 7.33
C TRP A 83 5.64 19.02 6.15
N LEU A 84 6.22 17.87 6.45
CA LEU A 84 6.65 16.95 5.41
C LEU A 84 5.38 16.36 4.74
N ASN A 85 4.41 15.98 5.55
CA ASN A 85 3.21 15.36 4.99
C ASN A 85 2.52 16.40 4.11
N ASN A 86 2.50 17.69 4.53
CA ASN A 86 1.84 18.73 3.75
C ASN A 86 2.51 18.86 2.40
N LEU A 87 3.81 18.61 2.37
CA LEU A 87 4.52 18.63 1.10
C LEU A 87 4.39 17.34 0.29
N LEU A 88 4.61 16.20 0.90
CA LEU A 88 4.71 14.94 0.11
C LEU A 88 3.33 14.26 -0.20
N HIS A 89 2.40 14.28 0.76
CA HIS A 89 1.19 13.45 0.57
C HIS A 89 0.46 13.82 -0.72
N PRO A 90 0.24 15.12 -0.96
CA PRO A 90 -0.42 15.54 -2.22
C PRO A 90 0.44 15.17 -3.42
N ALA A 91 1.74 15.32 -3.31
CA ALA A 91 2.60 14.90 -4.39
C ALA A 91 2.56 13.38 -4.69
N ILE A 92 2.58 12.58 -3.65
CA ILE A 92 2.48 11.14 -3.85
C ILE A 92 1.17 10.75 -4.49
N ARG A 93 0.09 11.28 -3.95
CA ARG A 93 -1.22 11.06 -4.53
C ARG A 93 -1.26 11.36 -6.02
N GLU A 94 -0.73 12.50 -6.41
CA GLU A 94 -0.79 12.86 -7.84
C GLU A 94 0.02 11.92 -8.72
N ARG A 95 1.18 11.51 -8.22
CA ARG A 95 2.05 10.61 -8.97
C ARG A 95 1.37 9.21 -9.09
N MET A 96 0.68 8.79 -8.03
CA MET A 96 -0.15 7.58 -8.09
C MET A 96 -1.19 7.64 -9.18
N LYS A 97 -1.96 8.72 -9.18
CA LYS A 97 -2.97 8.90 -10.22
C LYS A 97 -2.38 8.81 -11.63
N GLN A 98 -1.25 9.47 -11.84
CA GLN A 98 -0.51 9.45 -13.11
C GLN A 98 -0.22 7.99 -13.53
N LYS A 99 0.34 7.22 -12.60
CA LYS A 99 0.87 5.92 -12.96
C LYS A 99 -0.32 5.03 -13.29
N LEU A 100 -1.40 5.18 -12.53
CA LEU A 100 -2.61 4.40 -12.75
C LEU A 100 -3.24 4.68 -14.12
N ALA A 101 -3.28 5.95 -14.50
CA ALA A 101 -3.86 6.40 -15.77
C ALA A 101 -3.04 6.01 -17.01
N GLU A 102 -1.77 5.79 -16.75
CA GLU A 102 -0.81 5.29 -17.76
C GLU A 102 -0.98 3.82 -18.06
N GLN A 103 -1.72 3.07 -17.25
CA GLN A 103 -1.71 1.59 -17.44
C GLN A 103 -2.68 1.31 -18.52
N THR A 104 -2.36 0.33 -19.34
CA THR A 104 -3.24 -0.10 -20.42
C THR A 104 -3.71 -1.56 -20.31
N ALA A 105 -3.30 -2.28 -19.27
CA ALA A 105 -3.87 -3.59 -18.99
C ALA A 105 -5.30 -3.41 -18.63
N PRO A 106 -6.10 -4.46 -18.73
CA PRO A 106 -7.49 -4.39 -18.30
C PRO A 106 -7.66 -4.03 -16.85
N TYR A 107 -6.84 -4.59 -15.93
CA TYR A 107 -6.89 -4.10 -14.55
C TYR A 107 -5.49 -3.98 -13.96
N THR A 108 -5.42 -3.15 -12.91
CA THR A 108 -4.15 -2.83 -12.28
C THR A 108 -4.33 -3.01 -10.81
N LEU A 109 -3.30 -3.54 -10.15
CA LEU A 109 -3.34 -3.69 -8.71
C LEU A 109 -2.57 -2.52 -8.06
N PHE A 110 -3.21 -1.85 -7.13
CA PHE A 110 -2.74 -0.57 -6.59
C PHE A 110 -2.47 -0.85 -5.11
N VAL A 111 -1.20 -1.13 -4.77
CA VAL A 111 -0.93 -1.60 -3.43
C VAL A 111 -0.61 -0.43 -2.53
N VAL A 112 -1.44 -0.26 -1.49
CA VAL A 112 -1.31 0.89 -0.59
C VAL A 112 -1.51 0.55 0.88
N PRO A 113 -0.42 0.51 1.63
CA PRO A 113 -0.46 0.17 3.05
C PRO A 113 -1.50 1.07 3.77
N LEU A 114 -1.56 2.34 3.44
CA LEU A 114 -2.46 3.20 4.19
C LEU A 114 -3.62 3.67 3.34
N LEU A 115 -4.14 2.75 2.53
CA LEU A 115 -5.19 3.09 1.60
C LEU A 115 -6.36 3.74 2.32
N ILE A 116 -6.78 3.17 3.44
CA ILE A 116 -7.91 3.74 4.18
C ILE A 116 -7.50 4.95 5.00
N GLU A 117 -6.39 4.82 5.71
CA GLU A 117 -6.03 5.81 6.70
C GLU A 117 -5.73 7.17 6.00
N ASN A 118 -5.13 7.12 4.80
CA ASN A 118 -4.75 8.33 4.08
C ASN A 118 -5.79 8.72 3.06
N LYS A 119 -6.92 8.03 3.11
CA LYS A 119 -8.09 8.41 2.36
C LYS A 119 -7.79 8.41 0.84
N LEU A 120 -7.20 7.32 0.36
CA LEU A 120 -6.86 7.14 -1.06
C LEU A 120 -7.84 6.17 -1.74
N THR A 121 -8.93 5.83 -1.03
CA THR A 121 -9.97 4.91 -1.55
C THR A 121 -10.74 5.44 -2.79
N ALA A 122 -10.80 6.75 -2.90
CA ALA A 122 -11.41 7.32 -4.10
C ALA A 122 -10.64 6.98 -5.36
N LEU A 123 -9.36 6.59 -5.26
CA LEU A 123 -8.51 6.37 -6.46
C LEU A 123 -8.71 5.01 -7.10
N CYS A 124 -9.33 4.08 -6.39
CA CYS A 124 -9.51 2.73 -6.90
C CYS A 124 -10.98 2.40 -7.13
N ASP A 125 -11.24 1.37 -7.93
CA ASP A 125 -12.60 0.89 -8.16
C ASP A 125 -13.11 -0.02 -7.10
N ARG A 126 -12.23 -0.76 -6.43
CA ARG A 126 -12.71 -1.82 -5.57
C ARG A 126 -11.59 -2.11 -4.61
N ILE A 127 -11.89 -2.67 -3.43
CA ILE A 127 -10.83 -2.79 -2.44
C ILE A 127 -10.66 -4.25 -2.09
N LEU A 128 -9.44 -4.71 -2.26
CA LEU A 128 -9.03 -6.02 -1.83
C LEU A 128 -8.23 -5.91 -0.53
N VAL A 129 -8.74 -6.55 0.53
CA VAL A 129 -8.01 -6.70 1.78
C VAL A 129 -7.41 -8.04 2.06
N VAL A 130 -6.14 -8.06 2.43
CA VAL A 130 -5.56 -9.28 2.97
C VAL A 130 -5.71 -9.26 4.47
N ASP A 131 -6.47 -10.22 4.98
CA ASP A 131 -6.93 -10.22 6.33
C ASP A 131 -6.18 -11.20 7.18
N VAL A 132 -5.74 -10.84 8.38
CA VAL A 132 -5.20 -11.84 9.30
C VAL A 132 -5.56 -11.34 10.68
N SER A 133 -5.40 -12.17 11.72
CA SER A 133 -5.66 -11.69 13.09
C SER A 133 -4.53 -10.79 13.60
N PRO A 134 -4.81 -9.97 14.61
CA PRO A 134 -3.72 -9.19 15.21
C PRO A 134 -2.57 -10.07 15.69
N GLN A 135 -2.87 -11.24 16.28
CA GLN A 135 -1.79 -12.11 16.73
C GLN A 135 -0.95 -12.50 15.56
N THR A 136 -1.57 -12.78 14.41
CA THR A 136 -0.79 -13.08 13.19
C THR A 136 0.09 -11.91 12.77
N GLN A 137 -0.48 -10.69 12.78
CA GLN A 137 0.28 -9.51 12.39
C GLN A 137 1.59 -9.49 13.22
N LEU A 138 1.46 -9.64 14.55
CA LEU A 138 2.61 -9.61 15.45
C LEU A 138 3.63 -10.72 15.14
N ALA A 139 3.11 -11.92 14.93
CA ALA A 139 3.95 -13.08 14.61
C ALA A 139 4.73 -12.93 13.31
N ARG A 140 4.02 -12.50 12.26
CA ARG A 140 4.64 -12.40 10.98
C ARG A 140 5.63 -11.25 11.00
N SER A 141 5.31 -10.20 11.73
CA SER A 141 6.15 -9.00 11.70
C SER A 141 7.45 -9.22 12.46
N ALA A 142 7.51 -10.27 13.28
CA ALA A 142 8.75 -10.62 13.95
C ALA A 142 9.56 -11.63 13.15
N ASN A 148 10.42 -4.72 19.85
CA ASN A 148 9.94 -5.08 18.51
C ASN A 148 8.46 -5.37 18.56
N PHE A 149 8.10 -6.37 19.35
CA PHE A 149 6.71 -6.60 19.70
C PHE A 149 6.10 -5.26 20.05
N GLU A 150 6.78 -4.50 20.91
CA GLU A 150 6.30 -3.19 21.33
C GLU A 150 6.12 -2.24 20.14
N GLN A 151 7.17 -2.04 19.35
CA GLN A 151 7.09 -1.21 18.16
C GLN A 151 5.94 -1.57 17.15
N ILE A 152 5.71 -2.85 16.88
CA ILE A 152 4.65 -3.30 15.95
C ILE A 152 3.32 -2.95 16.53
N GLN A 153 3.17 -3.18 17.83
CA GLN A 153 1.87 -2.88 18.41
C GLN A 153 1.45 -1.43 18.26
N ARG A 154 2.39 -0.52 18.42
CA ARG A 154 2.09 0.91 18.23
C ARG A 154 1.72 1.14 16.77
N ILE A 155 2.51 0.58 15.84
CA ILE A 155 2.04 0.66 14.45
C ILE A 155 0.58 0.17 14.31
N MET A 156 0.30 -1.01 14.85
CA MET A 156 -1.04 -1.49 14.73
C MET A 156 -2.01 -0.54 15.39
N ASN A 157 -1.59 0.14 16.46
CA ASN A 157 -2.55 1.01 17.12
C ASN A 157 -2.96 2.20 16.25
N SER A 158 -2.06 2.63 15.37
CA SER A 158 -2.30 3.77 14.49
C SER A 158 -2.96 3.43 13.16
N GLN A 159 -3.16 2.14 12.90
CA GLN A 159 -3.81 1.71 11.69
C GLN A 159 -5.26 1.35 12.00
N VAL A 160 -6.13 1.31 11.00
CA VAL A 160 -7.50 0.91 11.28
C VAL A 160 -7.64 -0.48 11.86
N SER A 161 -8.75 -0.73 12.55
CA SER A 161 -8.93 -2.08 13.17
C SER A 161 -9.21 -3.14 12.14
N GLN A 162 -9.08 -4.42 12.49
CA GLN A 162 -9.49 -5.46 11.59
C GLN A 162 -10.94 -5.29 11.14
N GLN A 163 -11.84 -5.01 12.06
CA GLN A 163 -13.23 -4.86 11.69
C GLN A 163 -13.43 -3.74 10.71
N GLU A 164 -12.80 -2.59 10.98
CA GLU A 164 -13.01 -1.46 10.13
C GLU A 164 -12.50 -1.74 8.69
N ARG A 165 -11.30 -2.31 8.59
CA ARG A 165 -10.69 -2.70 7.29
C ARG A 165 -11.63 -3.63 6.57
N LEU A 166 -12.16 -4.62 7.30
CA LEU A 166 -13.07 -5.56 6.68
C LEU A 166 -14.38 -4.89 6.17
N LYS A 167 -14.88 -3.87 6.84
CA LYS A 167 -16.15 -3.28 6.40
C LYS A 167 -15.88 -2.49 5.13
N TRP A 168 -14.66 -2.00 5.01
CA TRP A 168 -14.25 -1.31 3.75
C TRP A 168 -14.07 -2.25 2.54
N ALA A 169 -13.72 -3.50 2.82
CA ALA A 169 -13.32 -4.45 1.73
C ALA A 169 -14.49 -4.82 0.81
N ASP A 170 -14.19 -4.89 -0.47
CA ASP A 170 -15.07 -5.54 -1.45
C ASP A 170 -14.73 -6.98 -1.58
N ASP A 171 -13.42 -7.26 -1.58
CA ASP A 171 -12.96 -8.67 -1.57
C ASP A 171 -12.01 -8.91 -0.44
N VAL A 172 -11.98 -10.13 0.08
CA VAL A 172 -11.13 -10.48 1.21
C VAL A 172 -10.42 -11.79 0.93
N ILE A 173 -9.11 -11.82 1.08
CA ILE A 173 -8.40 -13.09 1.09
C ILE A 173 -7.76 -13.21 2.47
N ASN A 174 -7.89 -14.36 3.12
CA ASN A 174 -7.48 -14.56 4.52
C ASN A 174 -6.06 -15.16 4.43
N ASN A 175 -5.12 -14.65 5.22
CA ASN A 175 -3.73 -15.12 5.19
C ASN A 175 -3.23 -15.55 6.53
N ASP A 176 -4.14 -15.93 7.42
CA ASP A 176 -3.72 -16.42 8.68
C ASP A 176 -2.99 -17.77 8.63
N ALA A 177 -3.36 -18.73 7.75
CA ALA A 177 -2.70 -20.04 7.83
C ALA A 177 -1.29 -19.90 7.23
N GLU A 178 -0.38 -20.82 7.58
CA GLU A 178 1.00 -20.79 7.13
C GLU A 178 1.07 -21.08 5.63
N LEU A 179 2.01 -20.46 4.91
CA LEU A 179 2.13 -20.83 3.48
C LEU A 179 2.28 -22.33 3.17
N ALA A 180 3.01 -23.04 4.01
CA ALA A 180 3.39 -24.41 3.71
C ALA A 180 2.13 -25.23 3.35
N GLN A 181 1.07 -25.03 4.10
CA GLN A 181 -0.20 -25.71 3.89
C GLN A 181 -1.14 -24.96 2.96
N ASN A 182 -1.16 -23.64 3.05
CA ASN A 182 -2.27 -22.91 2.45
C ASN A 182 -1.93 -22.23 1.14
N LEU A 183 -0.66 -22.24 0.73
CA LEU A 183 -0.33 -21.55 -0.51
C LEU A 183 -1.16 -21.92 -1.71
N PRO A 184 -1.38 -23.21 -1.95
CA PRO A 184 -2.21 -23.59 -3.11
C PRO A 184 -3.63 -22.99 -3.03
N HIS A 185 -4.21 -22.93 -1.84
CA HIS A 185 -5.57 -22.33 -1.76
C HIS A 185 -5.45 -20.83 -1.97
N LEU A 186 -4.36 -20.23 -1.49
CA LEU A 186 -4.18 -18.78 -1.74
C LEU A 186 -4.09 -18.54 -3.24
N GLN A 187 -3.36 -19.41 -3.92
CA GLN A 187 -3.18 -19.22 -5.37
C GLN A 187 -4.49 -19.35 -6.05
N GLN A 188 -5.27 -20.34 -5.60
CA GLN A 188 -6.57 -20.51 -6.24
C GLN A 188 -7.46 -19.29 -6.07
N LYS A 189 -7.40 -18.69 -4.88
CA LYS A 189 -8.33 -17.57 -4.62
C LYS A 189 -7.89 -16.39 -5.50
N VAL A 190 -6.57 -16.21 -5.64
CA VAL A 190 -6.07 -15.15 -6.52
C VAL A 190 -6.51 -15.42 -7.98
N LEU A 191 -6.41 -16.67 -8.46
CA LEU A 191 -6.88 -16.96 -9.83
C LEU A 191 -8.37 -16.64 -9.95
N GLU A 192 -9.15 -17.02 -8.94
CA GLU A 192 -10.58 -16.65 -9.01
C GLU A 192 -10.77 -15.11 -9.03
N LEU A 193 -10.06 -14.38 -8.19
CA LEU A 193 -10.22 -12.94 -8.23
C LEU A 193 -9.74 -12.39 -9.60
N HIS A 194 -8.62 -12.92 -10.06
CA HIS A 194 -8.07 -12.54 -11.37
C HIS A 194 -9.17 -12.65 -12.42
N GLN A 195 -9.81 -13.80 -12.48
CA GLN A 195 -10.88 -13.96 -13.47
C GLN A 195 -12.02 -12.95 -13.23
N PHE A 196 -12.37 -12.74 -11.97
CA PHE A 196 -13.39 -11.75 -11.68
C PHE A 196 -13.01 -10.32 -12.03
N TYR A 197 -11.77 -9.93 -11.82
CA TYR A 197 -11.36 -8.59 -12.16
C TYR A 197 -11.32 -8.35 -13.64
N LEU A 198 -10.95 -9.35 -14.41
CA LEU A 198 -10.99 -9.20 -15.86
C LEU A 198 -12.44 -9.01 -16.32
N GLN A 199 -13.36 -9.76 -15.74
CA GLN A 199 -14.77 -9.56 -16.02
C GLN A 199 -15.28 -8.17 -15.64
N GLN A 200 -14.73 -7.60 -14.56
CA GLN A 200 -15.18 -6.30 -14.09
C GLN A 200 -14.64 -5.24 -15.03
N ALA A 201 -13.45 -5.49 -15.54
CA ALA A 201 -12.85 -4.59 -16.52
C ALA A 201 -13.67 -4.62 -17.83
N GLU A 202 -14.01 -5.82 -18.31
CA GLU A 202 -14.82 -5.93 -19.52
C GLU A 202 -16.16 -5.17 -19.33
N ASN A 203 -16.87 -5.42 -18.23
CA ASN A 203 -18.11 -4.71 -17.95
C ASN A 203 -18.04 -3.17 -18.01
N LYS A 204 -16.88 -2.58 -17.70
CA LYS A 204 -16.67 -1.15 -17.93
C LYS A 204 -16.73 -0.72 -19.39
N ASN A 205 -16.69 -1.69 -20.30
CA ASN A 205 -16.89 -1.45 -21.73
C ASN A 205 -18.06 -2.24 -22.27
S SO4 B . -9.45 13.78 -7.60
O1 SO4 B . -10.10 14.16 -6.35
O2 SO4 B . -10.29 13.97 -8.77
O3 SO4 B . -9.07 12.36 -7.49
O4 SO4 B . -8.29 14.61 -7.79
HG HG C . -11.53 1.82 -3.96
PG ATP D . 4.56 -5.11 5.84
O1G ATP D . 4.60 -5.26 7.31
O2G ATP D . 5.92 -4.77 5.24
O3G ATP D . 3.43 -4.10 5.56
PB ATP D . 3.23 -6.99 4.17
O1B ATP D . 1.84 -6.71 4.59
O2B ATP D . 3.56 -6.55 2.76
O3B ATP D . 4.27 -6.57 5.26
PA ATP D . 4.44 -9.60 3.71
O1A ATP D . 3.83 -10.23 2.53
O2A ATP D . 5.67 -8.81 3.47
O3A ATP D . 3.44 -8.55 4.40
O5' ATP D . 4.50 -10.72 4.83
C5' ATP D . 5.00 -10.44 6.11
C4' ATP D . 5.96 -11.56 6.51
O4' ATP D . 5.27 -12.79 6.67
C3' ATP D . 7.00 -11.83 5.45
O3' ATP D . 8.13 -12.27 6.15
C2' ATP D . 6.40 -12.96 4.64
O2' ATP D . 7.36 -13.80 4.00
C1' ATP D . 5.64 -13.75 5.70
N9 ATP D . 4.39 -14.36 5.21
C8 ATP D . 3.43 -13.84 4.37
N7 ATP D . 2.42 -14.74 4.27
C5 ATP D . 2.79 -15.78 5.00
C6 ATP D . 2.17 -16.98 5.25
N6 ATP D . 0.89 -17.09 5.01
N1 ATP D . 2.78 -17.89 6.08
C2 ATP D . 3.99 -17.67 6.67
N3 ATP D . 4.61 -16.48 6.42
C4 ATP D . 4.01 -15.57 5.60
#